data_5MVG
#
_entry.id   5MVG
#
_cell.length_a   70.721
_cell.length_b   70.721
_cell.length_c   171.953
_cell.angle_alpha   90.00
_cell.angle_beta   90.00
_cell.angle_gamma   120.00
#
_symmetry.space_group_name_H-M   'P 31 2 1'
#
loop_
_entity.id
_entity.type
_entity.pdbx_description
1 polymer 'light chain dimer'
2 non-polymer GLYCEROL
3 water water
#
_entity_poly.entity_id   1
_entity_poly.type   'polypeptide(L)'
_entity_poly.pdbx_seq_one_letter_code
;SSELTQDPAVSVALGQTVKITCQGDSLRMYYASWYQQKPAQAPVLVIYAEKNRPSGIPDRFSASSSGSTASLTITGAQAE
DEADYYCNSRDNSGDHLVFGGGTKLTVLGQPKAAPSVTLFPPSSEELQANKATLVCLISDFYPGAVTVAWKADSSPVKAG
VETTTPSKQSNNKYAASSYLSLTPEQWKSHRSYSCQVTHEGSTVEKTVAPTECS
;
_entity_poly.pdbx_strand_id   A,B
#
# COMPACT_ATOMS: atom_id res chain seq x y z
N VAL A 10 -11.70 -5.66 -8.17
CA VAL A 10 -12.90 -5.53 -9.00
C VAL A 10 -12.74 -4.37 -9.98
N SER A 11 -12.75 -4.66 -11.29
CA SER A 11 -12.61 -3.63 -12.31
C SER A 11 -13.68 -3.67 -13.38
N VAL A 12 -13.93 -2.52 -14.02
CA VAL A 12 -14.92 -2.32 -15.07
C VAL A 12 -14.37 -1.33 -16.10
N ALA A 13 -14.68 -1.55 -17.38
CA ALA A 13 -14.31 -0.64 -18.46
C ALA A 13 -15.34 0.50 -18.46
N LEU A 14 -14.96 1.67 -19.01
CA LEU A 14 -15.82 2.86 -19.11
C LEU A 14 -17.05 2.55 -19.96
N GLY A 15 -18.23 2.82 -19.39
CA GLY A 15 -19.52 2.58 -20.04
C GLY A 15 -20.03 1.16 -19.91
N GLN A 16 -19.26 0.27 -19.26
CA GLN A 16 -19.64 -1.14 -19.06
C GLN A 16 -20.34 -1.38 -17.72
N THR A 17 -20.80 -2.64 -17.48
CA THR A 17 -21.55 -3.05 -16.29
C THR A 17 -20.69 -3.89 -15.33
N VAL A 18 -20.79 -3.58 -14.03
CA VAL A 18 -20.06 -4.23 -12.93
C VAL A 18 -21.01 -4.70 -11.81
N LYS A 19 -20.57 -5.69 -11.02
CA LYS A 19 -21.29 -6.22 -9.85
C LYS A 19 -20.32 -6.40 -8.69
N ILE A 20 -20.58 -5.69 -7.59
CA ILE A 20 -19.81 -5.72 -6.34
C ILE A 20 -20.65 -6.55 -5.36
N THR A 21 -20.07 -7.63 -4.82
CA THR A 21 -20.81 -8.52 -3.91
C THR A 21 -20.32 -8.47 -2.48
N CYS A 22 -21.28 -8.47 -1.53
CA CYS A 22 -21.08 -8.48 -0.09
C CYS A 22 -21.55 -9.82 0.45
N GLN A 23 -20.72 -10.48 1.27
CA GLN A 23 -21.04 -11.79 1.87
C GLN A 23 -20.90 -11.74 3.40
N GLY A 24 -21.81 -12.42 4.08
CA GLY A 24 -21.84 -12.53 5.53
C GLY A 24 -23.22 -12.86 6.08
N ASP A 25 -23.33 -12.90 7.42
CA ASP A 25 -24.60 -13.16 8.11
C ASP A 25 -25.47 -11.90 8.13
N SER A 26 -26.78 -12.07 8.44
CA SER A 26 -27.86 -11.06 8.51
C SER A 26 -28.40 -10.65 7.12
N LEU A 27 -27.74 -11.10 6.03
CA LEU A 27 -28.17 -10.80 4.66
C LEU A 27 -29.39 -11.66 4.26
N ARG A 28 -29.58 -12.81 4.95
CA ARG A 28 -30.70 -13.74 4.76
C ARG A 28 -32.00 -13.11 5.26
N MET A 29 -31.91 -12.31 6.34
CA MET A 29 -33.05 -11.62 6.96
C MET A 29 -33.29 -10.24 6.33
N TYR A 30 -32.21 -9.46 6.10
CA TYR A 30 -32.29 -8.11 5.51
C TYR A 30 -30.99 -7.72 4.80
N TRP A 34 -26.14 2.73 0.85
CA TRP A 34 -24.96 2.60 -0.02
C TRP A 34 -23.99 3.74 0.15
N TYR A 35 -22.74 3.40 0.49
CA TYR A 35 -21.67 4.36 0.76
C TYR A 35 -20.51 4.24 -0.21
N GLN A 36 -20.10 5.39 -0.77
CA GLN A 36 -19.01 5.51 -1.73
C GLN A 36 -17.89 6.28 -1.06
N GLN A 37 -16.68 5.70 -1.03
CA GLN A 37 -15.54 6.37 -0.43
C GLN A 37 -14.37 6.46 -1.40
N LYS A 38 -14.12 7.69 -1.91
CA LYS A 38 -13.00 7.99 -2.81
C LYS A 38 -11.74 8.17 -1.91
N PRO A 39 -10.49 7.99 -2.42
CA PRO A 39 -9.31 8.14 -1.55
C PRO A 39 -9.18 9.49 -0.84
N ALA A 40 -8.87 9.44 0.48
CA ALA A 40 -8.70 10.57 1.40
C ALA A 40 -9.94 11.48 1.54
N GLN A 41 -11.11 10.95 1.15
CA GLN A 41 -12.40 11.66 1.21
C GLN A 41 -13.36 10.96 2.17
N ALA A 42 -14.44 11.65 2.56
CA ALA A 42 -15.45 11.11 3.47
C ALA A 42 -16.35 10.12 2.74
N PRO A 43 -16.69 8.95 3.34
CA PRO A 43 -17.62 8.03 2.68
C PRO A 43 -18.99 8.70 2.57
N VAL A 44 -19.42 8.99 1.34
CA VAL A 44 -20.68 9.68 1.07
C VAL A 44 -21.79 8.71 0.65
N LEU A 45 -23.03 9.05 1.02
CA LEU A 45 -24.24 8.29 0.73
C LEU A 45 -24.58 8.40 -0.77
N TYR A 48 -30.05 3.19 -0.26
CA TYR A 48 -30.02 2.96 1.18
C TYR A 48 -29.97 1.47 1.50
N ALA A 49 -31.00 0.71 1.08
CA ALA A 49 -31.12 -0.74 1.32
C ALA A 49 -31.89 -1.46 0.20
N GLU A 50 -31.14 -1.96 -0.81
CA GLU A 50 -31.59 -2.69 -2.01
C GLU A 50 -32.50 -1.86 -2.94
N LYS A 51 -33.67 -1.41 -2.44
CA LYS A 51 -34.65 -0.62 -3.19
C LYS A 51 -34.94 0.73 -2.50
N ASN A 52 -34.13 1.76 -2.85
CA ASN A 52 -34.25 3.11 -2.30
C ASN A 52 -33.78 4.21 -3.25
N ARG A 53 -34.42 5.39 -3.17
CA ARG A 53 -34.13 6.54 -4.03
C ARG A 53 -33.34 7.69 -3.33
N PRO A 54 -32.00 7.76 -3.54
CA PRO A 54 -31.22 8.85 -2.91
C PRO A 54 -31.07 10.07 -3.85
N SER A 55 -30.41 11.16 -3.36
CA SER A 55 -30.21 12.39 -4.14
C SER A 55 -28.95 13.16 -3.71
N GLY A 56 -28.33 13.85 -4.68
CA GLY A 56 -27.13 14.66 -4.47
C GLY A 56 -26.00 14.37 -5.45
N ILE A 57 -25.79 13.08 -5.77
CA ILE A 57 -24.78 12.56 -6.69
C ILE A 57 -25.50 11.97 -7.93
N PRO A 58 -24.95 12.11 -9.18
CA PRO A 58 -25.65 11.58 -10.36
C PRO A 58 -26.20 10.15 -10.25
N ASP A 59 -27.44 9.96 -10.72
CA ASP A 59 -28.19 8.70 -10.68
C ASP A 59 -28.03 7.85 -11.95
N ARG A 60 -28.58 6.61 -11.93
CA ARG A 60 -28.52 5.66 -13.04
C ARG A 60 -29.75 5.78 -13.96
N ALA A 70 -25.76 -8.90 -0.38
CA ALA A 70 -26.23 -7.80 -1.21
C ALA A 70 -25.23 -7.47 -2.33
N SER A 71 -25.72 -6.83 -3.42
CA SER A 71 -24.88 -6.46 -4.55
C SER A 71 -25.20 -5.09 -5.13
N LEU A 72 -24.18 -4.36 -5.58
CA LEU A 72 -24.34 -3.06 -6.23
C LEU A 72 -23.94 -3.20 -7.70
N THR A 73 -24.78 -2.66 -8.59
CA THR A 73 -24.56 -2.71 -10.04
C THR A 73 -24.40 -1.29 -10.57
N ILE A 74 -23.40 -1.07 -11.45
CA ILE A 74 -23.14 0.23 -12.06
C ILE A 74 -23.12 0.02 -13.59
N THR A 75 -24.20 0.48 -14.27
CA THR A 75 -24.42 0.36 -15.72
C THR A 75 -23.55 1.30 -16.57
N GLY A 76 -23.44 2.56 -16.15
CA GLY A 76 -22.65 3.58 -16.84
C GLY A 76 -21.52 4.04 -15.95
N ALA A 77 -20.31 3.49 -16.18
CA ALA A 77 -19.14 3.79 -15.35
C ALA A 77 -18.22 4.87 -15.89
N GLN A 78 -17.89 5.84 -15.04
CA GLN A 78 -17.00 6.96 -15.32
C GLN A 78 -15.76 6.84 -14.46
N ALA A 79 -14.65 7.48 -14.87
CA ALA A 79 -13.37 7.44 -14.16
C ALA A 79 -13.46 7.96 -12.72
N GLU A 80 -14.39 8.89 -12.45
CA GLU A 80 -14.63 9.48 -11.13
C GLU A 80 -15.22 8.44 -10.15
N ASP A 81 -16.05 7.49 -10.68
CA ASP A 81 -16.70 6.39 -9.95
C ASP A 81 -15.69 5.44 -9.27
N GLU A 82 -14.39 5.55 -9.61
CA GLU A 82 -13.32 4.76 -9.00
C GLU A 82 -13.24 5.13 -7.52
N ALA A 83 -13.74 4.23 -6.68
CA ALA A 83 -13.83 4.40 -5.24
C ALA A 83 -14.12 3.06 -4.56
N ASP A 84 -14.13 3.08 -3.23
CA ASP A 84 -14.45 1.94 -2.39
C ASP A 84 -15.94 1.96 -2.05
N TYR A 85 -16.64 0.85 -2.31
CA TYR A 85 -18.06 0.75 -2.00
C TYR A 85 -18.30 -0.12 -0.78
N TYR A 86 -19.20 0.33 0.11
CA TYR A 86 -19.51 -0.36 1.37
C TYR A 86 -21.00 -0.55 1.51
N CYS A 87 -21.39 -1.80 1.83
CA CYS A 87 -22.77 -2.24 2.04
C CYS A 87 -23.17 -2.10 3.51
N PHE A 99 -21.11 -3.63 8.20
CA PHE A 99 -20.22 -3.03 7.20
C PHE A 99 -19.26 -4.03 6.57
N GLY A 100 -19.14 -3.96 5.24
CA GLY A 100 -18.22 -4.80 4.48
C GLY A 100 -16.79 -4.33 4.62
N GLY A 101 -15.85 -5.20 4.26
CA GLY A 101 -14.41 -4.93 4.34
C GLY A 101 -13.92 -3.82 3.41
N GLY A 102 -14.59 -3.68 2.27
CA GLY A 102 -14.24 -2.69 1.26
C GLY A 102 -13.94 -3.29 -0.09
N THR A 103 -14.55 -2.72 -1.14
CA THR A 103 -14.40 -3.16 -2.52
C THR A 103 -13.87 -2.03 -3.38
N LYS A 104 -12.60 -2.14 -3.79
CA LYS A 104 -11.96 -1.15 -4.64
C LYS A 104 -12.40 -1.32 -6.10
N LEU A 105 -13.35 -0.48 -6.52
CA LEU A 105 -13.84 -0.50 -7.90
C LEU A 105 -12.83 0.25 -8.75
N THR A 106 -12.22 -0.44 -9.71
CA THR A 106 -11.29 0.16 -10.64
C THR A 106 -12.03 0.43 -11.94
N VAL A 107 -11.92 1.65 -12.47
CA VAL A 107 -12.53 2.02 -13.74
C VAL A 107 -11.35 2.05 -14.71
N LEU A 108 -11.34 1.09 -15.66
CA LEU A 108 -10.25 0.91 -16.61
C LEU A 108 -10.08 2.11 -17.54
N GLY A 109 -9.00 2.85 -17.33
CA GLY A 109 -8.67 4.01 -18.15
C GLY A 109 -7.70 3.65 -19.26
N GLN A 110 -7.16 2.41 -19.20
CA GLN A 110 -6.19 1.86 -20.13
C GLN A 110 -6.34 0.32 -20.16
N PRO A 111 -5.67 -0.42 -21.07
CA PRO A 111 -5.85 -1.87 -21.11
C PRO A 111 -5.25 -2.59 -19.91
N LYS A 112 -5.84 -3.73 -19.56
CA LYS A 112 -5.37 -4.57 -18.45
C LYS A 112 -4.05 -5.15 -18.83
N ALA A 113 -3.15 -5.25 -17.87
CA ALA A 113 -1.82 -5.79 -18.15
C ALA A 113 -1.39 -6.64 -16.99
N ALA A 114 -1.10 -7.90 -17.28
CA ALA A 114 -0.66 -8.88 -16.27
C ALA A 114 0.75 -8.47 -15.80
N PRO A 115 1.15 -8.76 -14.55
CA PRO A 115 2.47 -8.33 -14.12
C PRO A 115 3.61 -9.16 -14.68
N SER A 116 4.74 -8.51 -14.90
CA SER A 116 6.00 -9.15 -15.27
C SER A 116 6.69 -9.39 -13.90
N VAL A 117 7.00 -10.65 -13.60
CA VAL A 117 7.56 -11.04 -12.30
C VAL A 117 8.98 -11.55 -12.45
N THR A 118 9.91 -10.98 -11.69
CA THR A 118 11.29 -11.45 -11.70
C THR A 118 11.70 -11.65 -10.25
N LEU A 119 12.11 -12.87 -9.90
CA LEU A 119 12.58 -13.16 -8.55
C LEU A 119 14.11 -13.14 -8.58
N PHE A 120 14.71 -12.22 -7.83
CA PHE A 120 16.17 -12.10 -7.76
C PHE A 120 16.68 -12.82 -6.53
N PRO A 121 17.66 -13.75 -6.69
CA PRO A 121 18.22 -14.43 -5.52
C PRO A 121 19.23 -13.52 -4.80
N PRO A 122 19.70 -13.85 -3.57
CA PRO A 122 20.73 -13.01 -2.94
C PRO A 122 21.99 -12.99 -3.81
N SER A 123 22.57 -11.80 -4.02
CA SER A 123 23.79 -11.63 -4.81
C SER A 123 24.97 -12.19 -4.03
N SER A 124 26.06 -12.51 -4.73
CA SER A 124 27.31 -13.02 -4.15
C SER A 124 27.87 -12.01 -3.16
N GLU A 125 27.77 -10.70 -3.50
CA GLU A 125 28.24 -9.55 -2.73
C GLU A 125 27.51 -9.46 -1.37
N GLU A 126 26.19 -9.74 -1.37
CA GLU A 126 25.33 -9.73 -0.19
C GLU A 126 25.64 -10.94 0.69
N LEU A 127 25.78 -12.13 0.05
CA LEU A 127 26.12 -13.38 0.74
C LEU A 127 27.51 -13.31 1.38
N GLN A 128 28.46 -12.57 0.74
CA GLN A 128 29.82 -12.36 1.25
C GLN A 128 29.80 -11.39 2.43
N ALA A 129 28.73 -10.59 2.54
CA ALA A 129 28.51 -9.64 3.63
C ALA A 129 27.63 -10.29 4.73
N ASN A 130 27.44 -11.65 4.65
CA ASN A 130 26.66 -12.48 5.57
C ASN A 130 25.19 -12.05 5.61
N LYS A 131 24.66 -11.68 4.45
CA LYS A 131 23.26 -11.26 4.35
C LYS A 131 22.61 -11.96 3.19
N ALA A 132 21.29 -12.05 3.22
CA ALA A 132 20.54 -12.64 2.12
C ALA A 132 19.20 -11.97 2.04
N THR A 133 18.90 -11.46 0.86
CA THR A 133 17.64 -10.82 0.57
C THR A 133 17.23 -11.29 -0.80
N LEU A 134 15.98 -11.70 -0.92
CA LEU A 134 15.35 -12.11 -2.16
C LEU A 134 14.44 -10.95 -2.54
N VAL A 135 14.47 -10.51 -3.80
CA VAL A 135 13.59 -9.44 -4.25
C VAL A 135 12.70 -9.92 -5.40
N CYS A 136 11.38 -9.82 -5.17
CA CYS A 136 10.40 -10.18 -6.19
C CYS A 136 9.94 -8.87 -6.83
N LEU A 137 10.49 -8.55 -8.02
CA LEU A 137 10.14 -7.34 -8.75
C LEU A 137 8.88 -7.61 -9.59
N ILE A 138 7.86 -6.76 -9.42
CA ILE A 138 6.54 -6.85 -10.06
C ILE A 138 6.35 -5.55 -10.83
N SER A 139 6.31 -5.62 -12.17
CA SER A 139 6.15 -4.41 -12.96
C SER A 139 5.15 -4.56 -14.11
N ASP A 140 4.86 -3.42 -14.78
CA ASP A 140 4.00 -3.31 -15.96
C ASP A 140 2.60 -3.90 -15.79
N PHE A 141 1.97 -3.68 -14.62
CA PHE A 141 0.63 -4.22 -14.40
C PHE A 141 -0.43 -3.15 -14.26
N TYR A 142 -1.65 -3.50 -14.69
CA TYR A 142 -2.82 -2.63 -14.60
C TYR A 142 -4.09 -3.50 -14.51
N PRO A 143 -5.03 -3.27 -13.56
CA PRO A 143 -5.04 -2.25 -12.48
C PRO A 143 -3.90 -2.39 -11.45
N GLY A 144 -3.75 -1.40 -10.58
CA GLY A 144 -2.68 -1.35 -9.60
C GLY A 144 -2.87 -2.10 -8.30
N ALA A 145 -3.45 -3.29 -8.34
CA ALA A 145 -3.67 -4.09 -7.12
C ALA A 145 -3.14 -5.51 -7.29
N VAL A 146 -2.26 -5.91 -6.38
CA VAL A 146 -1.67 -7.25 -6.37
C VAL A 146 -1.66 -7.82 -4.96
N THR A 147 -1.57 -9.13 -4.89
CA THR A 147 -1.42 -9.88 -3.66
C THR A 147 -0.15 -10.69 -3.85
N VAL A 148 0.73 -10.71 -2.86
CA VAL A 148 2.00 -11.43 -2.94
C VAL A 148 2.09 -12.48 -1.83
N ALA A 149 2.48 -13.71 -2.19
CA ALA A 149 2.69 -14.82 -1.27
C ALA A 149 4.07 -15.41 -1.53
N TRP A 150 4.72 -15.90 -0.48
CA TRP A 150 6.05 -16.49 -0.58
C TRP A 150 6.07 -17.93 -0.12
N LYS A 151 7.06 -18.69 -0.61
CA LYS A 151 7.28 -20.08 -0.24
C LYS A 151 8.77 -20.36 -0.05
N ALA A 152 9.09 -21.19 0.95
CA ALA A 152 10.42 -21.74 1.24
C ALA A 152 10.19 -23.20 0.90
N ASP A 153 10.75 -23.66 -0.25
CA ASP A 153 10.48 -24.99 -0.84
C ASP A 153 9.00 -24.99 -1.25
N SER A 154 8.18 -25.88 -0.66
CA SER A 154 6.74 -26.00 -0.89
C SER A 154 5.97 -25.37 0.29
N SER A 155 6.70 -24.94 1.33
CA SER A 155 6.12 -24.38 2.53
C SER A 155 5.83 -22.88 2.46
N PRO A 156 4.55 -22.48 2.57
CA PRO A 156 4.22 -21.04 2.60
C PRO A 156 4.92 -20.33 3.77
N VAL A 157 5.51 -19.15 3.52
CA VAL A 157 6.20 -18.35 4.53
C VAL A 157 5.77 -16.88 4.46
N LYS A 158 5.67 -16.23 5.61
CA LYS A 158 5.32 -14.80 5.67
C LYS A 158 6.24 -14.02 6.62
N ALA A 159 7.06 -14.73 7.43
CA ALA A 159 8.00 -14.10 8.36
C ALA A 159 9.15 -13.49 7.57
N GLY A 160 9.39 -12.20 7.80
CA GLY A 160 10.45 -11.43 7.15
C GLY A 160 10.08 -10.94 5.77
N VAL A 161 8.76 -10.81 5.48
CA VAL A 161 8.23 -10.34 4.20
C VAL A 161 7.77 -8.88 4.28
N GLU A 162 8.19 -8.06 3.32
CA GLU A 162 7.75 -6.68 3.18
C GLU A 162 7.36 -6.50 1.72
N THR A 163 6.21 -5.86 1.47
CA THR A 163 5.72 -5.62 0.11
C THR A 163 5.35 -4.16 -0.02
N THR A 164 5.81 -3.51 -1.09
CA THR A 164 5.52 -2.10 -1.29
C THR A 164 4.14 -1.91 -1.94
N THR A 165 3.55 -0.72 -1.74
CA THR A 165 2.27 -0.34 -2.32
C THR A 165 2.48 -0.02 -3.81
N PRO A 166 1.74 -0.65 -4.75
CA PRO A 166 1.92 -0.31 -6.17
C PRO A 166 1.83 1.18 -6.48
N SER A 167 2.75 1.67 -7.34
CA SER A 167 2.78 3.07 -7.76
C SER A 167 3.00 3.12 -9.26
N LYS A 168 2.57 4.23 -9.90
CA LYS A 168 2.64 4.40 -11.34
C LYS A 168 4.02 4.66 -11.89
N GLN A 169 4.35 3.93 -12.96
CA GLN A 169 5.60 4.05 -13.72
C GLN A 169 5.37 5.21 -14.72
N SER A 170 6.38 5.52 -15.55
CA SER A 170 6.25 6.59 -16.55
C SER A 170 5.29 6.20 -17.71
N ASN A 171 5.00 4.90 -17.88
CA ASN A 171 4.06 4.41 -18.89
C ASN A 171 2.61 4.28 -18.37
N ASN A 172 2.35 4.75 -17.13
CA ASN A 172 1.07 4.74 -16.42
C ASN A 172 0.66 3.35 -15.92
N LYS A 173 1.54 2.35 -16.08
CA LYS A 173 1.31 1.01 -15.54
C LYS A 173 1.92 1.02 -14.14
N TYR A 174 1.73 -0.04 -13.37
CA TYR A 174 2.20 -0.08 -12.00
C TYR A 174 3.42 -0.96 -11.76
N ALA A 175 4.14 -0.64 -10.69
CA ALA A 175 5.31 -1.35 -10.25
C ALA A 175 5.25 -1.47 -8.74
N ALA A 176 5.76 -2.59 -8.24
CA ALA A 176 5.88 -2.90 -6.83
C ALA A 176 7.01 -3.90 -6.63
N SER A 177 7.41 -4.08 -5.39
CA SER A 177 8.42 -5.06 -5.03
C SER A 177 8.08 -5.69 -3.71
N SER A 178 8.35 -6.96 -3.58
CA SER A 178 8.20 -7.69 -2.33
C SER A 178 9.59 -8.24 -2.01
N TYR A 179 10.01 -8.21 -0.74
CA TYR A 179 11.32 -8.74 -0.42
C TYR A 179 11.27 -9.62 0.82
N LEU A 180 12.15 -10.63 0.82
CA LEU A 180 12.25 -11.58 1.92
C LEU A 180 13.68 -11.60 2.45
N SER A 181 13.84 -11.18 3.72
CA SER A 181 15.12 -11.14 4.43
C SER A 181 15.37 -12.50 5.06
N LEU A 182 16.51 -13.11 4.73
CA LEU A 182 16.91 -14.41 5.22
C LEU A 182 18.35 -14.35 5.63
N THR A 183 18.79 -15.33 6.44
CA THR A 183 20.20 -15.46 6.79
C THR A 183 20.79 -16.30 5.64
N PRO A 184 22.12 -16.22 5.33
CA PRO A 184 22.67 -17.05 4.25
C PRO A 184 22.46 -18.56 4.46
N GLU A 185 22.46 -19.03 5.74
CA GLU A 185 22.23 -20.44 6.07
C GLU A 185 20.83 -20.90 5.63
N GLN A 186 19.81 -20.03 5.83
CA GLN A 186 18.43 -20.31 5.39
C GLN A 186 18.38 -20.40 3.87
N TRP A 187 19.11 -19.51 3.17
CA TRP A 187 19.13 -19.52 1.71
C TRP A 187 19.76 -20.79 1.11
N LYS A 188 20.88 -21.25 1.69
CA LYS A 188 21.63 -22.41 1.23
C LYS A 188 21.02 -23.74 1.68
N SER A 189 20.27 -23.76 2.80
CA SER A 189 19.68 -24.99 3.33
C SER A 189 18.37 -25.39 2.64
N HIS A 190 17.76 -24.47 1.87
CA HIS A 190 16.52 -24.75 1.16
C HIS A 190 16.77 -25.14 -0.29
N ARG A 191 15.92 -26.01 -0.84
CA ARG A 191 15.98 -26.46 -2.22
C ARG A 191 15.64 -25.28 -3.16
N SER A 192 14.71 -24.41 -2.71
CA SER A 192 14.26 -23.25 -3.48
C SER A 192 13.40 -22.32 -2.65
N TYR A 193 13.14 -21.14 -3.21
CA TYR A 193 12.28 -20.09 -2.69
C TYR A 193 11.41 -19.60 -3.84
N SER A 194 10.14 -19.28 -3.56
CA SER A 194 9.21 -18.84 -4.60
C SER A 194 8.46 -17.58 -4.23
N CYS A 195 8.13 -16.79 -5.24
CA CYS A 195 7.31 -15.59 -5.09
C CYS A 195 6.10 -15.78 -6.00
N GLN A 196 4.90 -15.62 -5.46
CA GLN A 196 3.64 -15.78 -6.19
C GLN A 196 2.88 -14.46 -6.15
N VAL A 197 2.57 -13.95 -7.34
CA VAL A 197 1.85 -12.68 -7.51
C VAL A 197 0.49 -12.96 -8.10
N THR A 198 -0.57 -12.51 -7.42
CA THR A 198 -1.96 -12.63 -7.87
C THR A 198 -2.40 -11.26 -8.38
N HIS A 199 -2.99 -11.23 -9.56
CA HIS A 199 -3.49 -10.03 -10.21
C HIS A 199 -4.74 -10.39 -10.97
N GLU A 200 -5.91 -9.96 -10.46
CA GLU A 200 -7.25 -10.18 -11.05
C GLU A 200 -7.44 -11.51 -11.81
N GLY A 201 -7.39 -12.64 -11.10
CA GLY A 201 -7.60 -13.94 -11.75
C GLY A 201 -6.37 -14.51 -12.46
N SER A 202 -5.26 -13.81 -12.43
CA SER A 202 -4.03 -14.34 -12.99
C SER A 202 -3.06 -14.50 -11.85
N THR A 203 -2.36 -15.62 -11.83
CA THR A 203 -1.34 -15.91 -10.82
C THR A 203 -0.03 -16.23 -11.54
N VAL A 204 1.03 -15.50 -11.19
CA VAL A 204 2.36 -15.73 -11.77
C VAL A 204 3.28 -16.06 -10.59
N GLU A 205 3.88 -17.26 -10.62
CA GLU A 205 4.82 -17.71 -9.60
C GLU A 205 6.22 -17.86 -10.23
N LYS A 206 7.24 -17.34 -9.55
CA LYS A 206 8.63 -17.48 -9.96
C LYS A 206 9.40 -18.14 -8.83
N THR A 207 10.21 -19.15 -9.18
CA THR A 207 11.02 -19.92 -8.25
C THR A 207 12.51 -19.77 -8.61
N VAL A 208 13.37 -19.61 -7.57
CA VAL A 208 14.84 -19.55 -7.69
C VAL A 208 15.46 -20.57 -6.73
N ALA A 209 16.69 -21.01 -7.03
CA ALA A 209 17.40 -21.99 -6.24
C ALA A 209 18.86 -21.57 -5.97
N PRO A 210 19.46 -21.93 -4.81
CA PRO A 210 20.86 -21.54 -4.56
C PRO A 210 21.86 -22.21 -5.51
N THR A 211 22.82 -21.41 -6.04
CA THR A 211 23.88 -21.78 -6.99
C THR A 211 23.35 -22.49 -8.23
N GLU B 3 -22.17 15.75 6.89
CA GLU B 3 -22.91 16.63 7.80
C GLU B 3 -22.16 16.83 9.14
N LEU B 4 -20.94 16.26 9.23
CA LEU B 4 -20.04 16.39 10.38
C LEU B 4 -18.78 17.10 9.90
N THR B 5 -18.25 18.03 10.70
CA THR B 5 -17.05 18.82 10.35
C THR B 5 -15.86 18.52 11.24
N GLN B 6 -14.69 18.37 10.62
CA GLN B 6 -13.39 18.17 11.26
C GLN B 6 -12.30 18.77 10.37
N ASP B 7 -11.21 19.26 10.97
CA ASP B 7 -10.08 19.86 10.25
C ASP B 7 -9.44 18.80 9.34
N PRO B 8 -9.02 19.15 8.10
CA PRO B 8 -8.45 18.13 7.20
C PRO B 8 -7.14 17.50 7.67
N ALA B 9 -6.38 18.20 8.53
CA ALA B 9 -5.08 17.73 9.01
C ALA B 9 -4.70 18.27 10.38
N VAL B 10 -3.93 17.47 11.14
CA VAL B 10 -3.37 17.80 12.46
C VAL B 10 -2.02 17.08 12.66
N SER B 11 -1.11 17.68 13.43
CA SER B 11 0.19 17.08 13.75
C SER B 11 0.42 17.01 15.26
N VAL B 12 1.25 16.06 15.68
CA VAL B 12 1.63 15.81 17.08
C VAL B 12 3.07 15.28 17.13
N ALA B 13 3.77 15.48 18.25
CA ALA B 13 5.12 14.95 18.44
C ALA B 13 4.98 13.52 18.96
N LEU B 14 5.95 12.65 18.63
CA LEU B 14 6.01 11.25 19.07
C LEU B 14 5.97 11.20 20.62
N GLY B 15 5.07 10.40 21.15
CA GLY B 15 4.89 10.25 22.59
C GLY B 15 4.00 11.29 23.23
N GLN B 16 3.48 12.26 22.44
CA GLN B 16 2.59 13.32 22.92
C GLN B 16 1.13 13.00 22.62
N THR B 17 0.22 13.76 23.24
CA THR B 17 -1.24 13.59 23.10
C THR B 17 -1.83 14.49 22.02
N VAL B 18 -2.73 13.92 21.19
CA VAL B 18 -3.45 14.62 20.14
C VAL B 18 -4.96 14.41 20.32
N LYS B 19 -5.73 15.47 20.08
CA LYS B 19 -7.18 15.46 20.17
C LYS B 19 -7.76 15.86 18.81
N ILE B 20 -8.55 14.95 18.21
CA ILE B 20 -9.21 15.15 16.92
C ILE B 20 -10.69 15.30 17.21
N THR B 21 -11.26 16.48 16.92
CA THR B 21 -12.66 16.80 17.22
C THR B 21 -13.54 16.89 15.98
N CYS B 22 -14.80 16.46 16.12
CA CYS B 22 -15.86 16.51 15.12
C CYS B 22 -17.00 17.35 15.65
N GLN B 23 -17.69 18.07 14.75
CA GLN B 23 -18.81 18.94 15.14
C GLN B 23 -20.04 18.75 14.24
N GLY B 24 -21.19 18.59 14.87
CA GLY B 24 -22.47 18.39 14.19
C GLY B 24 -23.65 18.27 15.13
N ASP B 25 -24.84 18.71 14.66
CA ASP B 25 -26.10 18.67 15.41
C ASP B 25 -26.51 17.27 15.85
N SER B 26 -26.17 16.23 15.05
CA SER B 26 -26.45 14.83 15.34
C SER B 26 -25.68 14.31 16.56
N LEU B 27 -24.56 14.96 16.92
CA LEU B 27 -23.71 14.60 18.07
C LEU B 27 -24.34 14.92 19.42
N ARG B 28 -25.41 15.72 19.42
CA ARG B 28 -26.16 16.07 20.63
C ARG B 28 -27.07 14.90 21.01
N MET B 29 -27.42 14.09 20.00
CA MET B 29 -28.33 12.94 20.12
C MET B 29 -27.62 11.61 20.06
N TYR B 30 -26.51 11.54 19.30
CA TYR B 30 -25.80 10.28 19.08
C TYR B 30 -24.31 10.32 19.36
N TYR B 31 -23.79 9.20 19.87
CA TYR B 31 -22.38 9.00 20.16
C TYR B 31 -21.66 8.75 18.85
N ALA B 32 -20.43 9.25 18.74
CA ALA B 32 -19.64 9.07 17.53
C ALA B 32 -18.76 7.84 17.56
N SER B 33 -18.63 7.19 16.40
CA SER B 33 -17.70 6.09 16.19
C SER B 33 -16.51 6.69 15.43
N TRP B 34 -15.32 6.10 15.61
CA TRP B 34 -14.10 6.60 14.97
C TRP B 34 -13.40 5.52 14.14
N TYR B 35 -13.09 5.87 12.88
CA TYR B 35 -12.40 4.99 11.94
C TYR B 35 -11.02 5.51 11.63
N GLN B 36 -10.06 4.59 11.49
CA GLN B 36 -8.67 4.87 11.14
C GLN B 36 -8.40 4.29 9.77
N GLN B 37 -7.90 5.12 8.85
CA GLN B 37 -7.60 4.64 7.51
C GLN B 37 -6.23 5.08 7.04
N LYS B 38 -5.40 4.10 6.66
CA LYS B 38 -4.05 4.29 6.13
C LYS B 38 -4.14 4.07 4.62
N PRO B 39 -3.24 4.63 3.77
CA PRO B 39 -3.35 4.39 2.32
C PRO B 39 -3.25 2.92 1.95
N ALA B 40 -4.00 2.51 0.91
CA ALA B 40 -4.09 1.14 0.37
C ALA B 40 -4.46 0.08 1.43
N GLN B 41 -5.16 0.50 2.50
CA GLN B 41 -5.62 -0.35 3.59
C GLN B 41 -7.10 -0.11 3.90
N ALA B 42 -7.79 -1.17 4.35
CA ALA B 42 -9.20 -1.13 4.74
C ALA B 42 -9.33 -0.28 6.02
N PRO B 43 -10.44 0.47 6.24
CA PRO B 43 -10.57 1.23 7.50
C PRO B 43 -10.67 0.31 8.71
N VAL B 44 -10.18 0.79 9.85
CA VAL B 44 -10.17 0.07 11.11
C VAL B 44 -11.07 0.83 12.06
N LEU B 45 -12.04 0.13 12.71
CA LEU B 45 -12.89 0.77 13.70
C LEU B 45 -12.06 0.88 14.98
N VAL B 46 -11.71 2.12 15.33
CA VAL B 46 -10.86 2.42 16.47
C VAL B 46 -11.70 2.60 17.75
N ILE B 47 -12.86 3.25 17.65
CA ILE B 47 -13.77 3.46 18.79
C ILE B 47 -15.20 3.28 18.30
N TYR B 48 -15.99 2.47 19.02
CA TYR B 48 -17.39 2.29 18.70
C TYR B 48 -18.24 3.09 19.68
N ALA B 49 -19.10 4.00 19.14
CA ALA B 49 -20.04 4.83 19.91
C ALA B 49 -19.43 5.41 21.20
N GLU B 50 -18.27 6.08 21.02
CA GLU B 50 -17.48 6.77 22.04
C GLU B 50 -16.85 5.87 23.14
N LYS B 51 -17.62 5.01 23.81
CA LYS B 51 -17.15 4.29 25.00
C LYS B 51 -16.60 2.88 24.78
N ASN B 52 -16.83 2.29 23.60
CA ASN B 52 -16.38 0.93 23.35
C ASN B 52 -15.10 0.88 22.52
N ARG B 53 -14.03 0.30 23.08
CA ARG B 53 -12.78 0.12 22.37
C ARG B 53 -12.74 -1.36 21.92
N PRO B 54 -12.79 -1.65 20.60
CA PRO B 54 -12.74 -3.06 20.16
C PRO B 54 -11.42 -3.73 20.50
N SER B 55 -11.41 -5.09 20.54
CA SER B 55 -10.20 -5.87 20.81
C SER B 55 -9.24 -5.68 19.64
N GLY B 56 -7.96 -5.53 19.95
CA GLY B 56 -6.90 -5.30 18.97
C GLY B 56 -6.51 -3.84 18.85
N ILE B 57 -7.34 -2.93 19.40
CA ILE B 57 -7.08 -1.50 19.37
C ILE B 57 -6.24 -1.11 20.58
N PRO B 58 -5.07 -0.44 20.40
CA PRO B 58 -4.25 -0.04 21.55
C PRO B 58 -5.01 0.83 22.55
N ASP B 59 -4.61 0.78 23.84
CA ASP B 59 -5.21 1.52 24.95
C ASP B 59 -5.01 3.04 24.84
N ARG B 60 -4.13 3.47 23.92
CA ARG B 60 -3.78 4.87 23.60
C ARG B 60 -4.98 5.63 23.05
N PHE B 61 -5.94 4.90 22.46
CA PHE B 61 -7.14 5.48 21.87
C PHE B 61 -8.30 5.51 22.84
N SER B 62 -8.92 6.69 22.97
N SER B 62 -8.91 6.68 22.96
CA SER B 62 -10.09 6.95 23.80
CA SER B 62 -10.10 6.92 23.78
C SER B 62 -10.91 8.06 23.17
C SER B 62 -10.92 8.01 23.10
N ALA B 63 -12.21 8.13 23.49
CA ALA B 63 -13.09 9.14 22.93
C ALA B 63 -13.91 9.81 24.01
N SER B 64 -14.28 11.07 23.76
CA SER B 64 -15.11 11.86 24.66
C SER B 64 -16.05 12.76 23.85
N SER B 65 -16.98 13.44 24.52
CA SER B 65 -17.93 14.33 23.88
C SER B 65 -18.35 15.43 24.82
N SER B 66 -18.84 16.55 24.25
CA SER B 66 -19.36 17.72 24.95
C SER B 66 -20.25 18.47 23.96
N GLY B 67 -21.54 18.59 24.30
CA GLY B 67 -22.54 19.25 23.47
C GLY B 67 -22.69 18.61 22.10
N SER B 68 -22.42 19.41 21.05
CA SER B 68 -22.50 19.01 19.64
C SER B 68 -21.11 18.61 19.07
N THR B 69 -20.15 18.36 19.97
CA THR B 69 -18.78 17.98 19.64
C THR B 69 -18.45 16.59 20.19
N ALA B 70 -17.64 15.82 19.45
CA ALA B 70 -17.13 14.50 19.82
C ALA B 70 -15.64 14.49 19.50
N SER B 71 -14.81 13.95 20.41
CA SER B 71 -13.37 13.94 20.22
C SER B 71 -12.72 12.58 20.40
N LEU B 72 -11.70 12.30 19.56
CA LEU B 72 -10.86 11.12 19.65
C LEU B 72 -9.52 11.61 20.17
N THR B 73 -9.06 11.00 21.27
CA THR B 73 -7.79 11.33 21.90
C THR B 73 -6.83 10.18 21.75
N ILE B 74 -5.61 10.49 21.27
CA ILE B 74 -4.52 9.52 21.15
C ILE B 74 -3.44 10.00 22.12
N THR B 75 -3.20 9.23 23.18
CA THR B 75 -2.15 9.57 24.17
C THR B 75 -0.91 8.77 23.82
N GLY B 76 0.26 9.41 23.86
CA GLY B 76 1.53 8.79 23.51
C GLY B 76 1.54 8.31 22.07
N ALA B 77 1.16 9.22 21.14
CA ALA B 77 1.03 8.95 19.71
C ALA B 77 2.28 8.29 19.13
N GLN B 78 2.09 7.12 18.49
CA GLN B 78 3.15 6.33 17.88
C GLN B 78 3.21 6.53 16.37
N ALA B 79 4.31 6.05 15.74
CA ALA B 79 4.54 6.13 14.30
C ALA B 79 3.43 5.42 13.50
N GLU B 80 2.96 4.26 14.01
CA GLU B 80 1.88 3.48 13.39
C GLU B 80 0.51 4.20 13.42
N ASP B 81 0.39 5.29 14.21
CA ASP B 81 -0.85 6.07 14.34
C ASP B 81 -1.04 7.11 13.21
N GLU B 82 -0.08 7.25 12.27
CA GLU B 82 -0.28 8.18 11.15
C GLU B 82 -1.31 7.57 10.21
N ALA B 83 -2.42 8.29 9.99
CA ALA B 83 -3.55 7.83 9.20
C ALA B 83 -4.55 8.97 9.07
N ASP B 84 -5.67 8.68 8.41
CA ASP B 84 -6.78 9.60 8.26
C ASP B 84 -7.85 9.11 9.24
N TYR B 85 -8.25 9.97 10.19
CA TYR B 85 -9.24 9.65 11.22
C TYR B 85 -10.59 10.27 10.87
N TYR B 86 -11.62 9.43 10.73
CA TYR B 86 -12.98 9.83 10.37
C TYR B 86 -13.94 9.53 11.50
N CYS B 87 -14.82 10.49 11.80
CA CYS B 87 -15.88 10.28 12.78
C CYS B 87 -17.13 9.92 12.01
N ASN B 88 -18.08 9.29 12.70
CA ASN B 88 -19.34 8.88 12.13
C ASN B 88 -20.39 8.76 13.23
N SER B 89 -21.67 8.98 12.88
CA SER B 89 -22.81 8.85 13.81
C SER B 89 -24.10 8.65 13.03
N ARG B 90 -25.20 8.37 13.75
CA ARG B 90 -26.54 8.27 13.17
C ARG B 90 -26.99 9.72 12.87
N ASP B 91 -28.01 9.92 12.01
CA ASP B 91 -28.44 11.28 11.67
C ASP B 91 -29.93 11.55 11.91
N ASN B 92 -30.26 11.91 13.17
CA ASN B 92 -31.61 12.26 13.66
C ASN B 92 -32.72 11.33 13.11
N SER B 93 -33.84 11.91 12.64
CA SER B 93 -35.00 11.21 12.08
C SER B 93 -34.66 10.60 10.72
N GLY B 94 -34.19 9.35 10.75
CA GLY B 94 -33.79 8.59 9.57
C GLY B 94 -32.66 7.65 9.90
N ASP B 95 -32.84 6.34 9.64
CA ASP B 95 -31.84 5.32 9.93
C ASP B 95 -30.68 5.33 8.92
N HIS B 96 -29.86 6.40 8.97
CA HIS B 96 -28.70 6.56 8.10
C HIS B 96 -27.50 7.17 8.84
N LEU B 97 -26.29 6.95 8.31
CA LEU B 97 -25.05 7.43 8.92
C LEU B 97 -24.46 8.65 8.23
N VAL B 98 -23.90 9.56 9.03
CA VAL B 98 -23.21 10.78 8.59
C VAL B 98 -21.74 10.67 8.97
N PHE B 99 -20.85 11.10 8.07
CA PHE B 99 -19.40 11.00 8.26
C PHE B 99 -18.71 12.36 8.21
N GLY B 100 -17.64 12.50 8.97
CA GLY B 100 -16.79 13.68 8.94
C GLY B 100 -15.87 13.57 7.73
N GLY B 101 -15.29 14.70 7.32
CA GLY B 101 -14.40 14.76 6.16
C GLY B 101 -13.07 14.04 6.33
N GLY B 102 -12.71 13.73 7.58
CA GLY B 102 -11.47 13.06 7.92
C GLY B 102 -10.37 14.01 8.32
N THR B 103 -9.49 13.57 9.22
CA THR B 103 -8.35 14.35 9.69
C THR B 103 -7.10 13.51 9.54
N LYS B 104 -6.17 13.96 8.68
CA LYS B 104 -4.90 13.27 8.48
C LYS B 104 -3.99 13.61 9.66
N LEU B 105 -3.41 12.57 10.28
CA LEU B 105 -2.50 12.74 11.40
C LEU B 105 -1.06 12.52 10.99
N THR B 106 -0.19 13.48 11.34
CA THR B 106 1.25 13.42 11.12
C THR B 106 1.89 13.33 12.50
N VAL B 107 2.82 12.39 12.66
CA VAL B 107 3.54 12.20 13.92
C VAL B 107 4.97 12.69 13.65
N LEU B 108 5.34 13.82 14.28
CA LEU B 108 6.65 14.46 14.15
C LEU B 108 7.64 13.88 15.16
N GLY B 109 8.92 14.21 14.99
CA GLY B 109 10.00 13.78 15.87
C GLY B 109 10.31 12.29 15.81
N GLN B 110 9.90 11.62 14.73
CA GLN B 110 10.17 10.20 14.56
C GLN B 110 11.66 10.01 14.26
N PRO B 111 12.30 8.93 14.77
CA PRO B 111 13.74 8.72 14.48
C PRO B 111 14.03 8.51 12.99
N LYS B 112 14.95 9.32 12.47
CA LYS B 112 15.39 9.25 11.08
C LYS B 112 16.26 8.01 10.84
N ALA B 113 16.37 7.57 9.57
CA ALA B 113 17.16 6.39 9.23
C ALA B 113 17.63 6.46 7.79
N ALA B 114 18.93 6.20 7.57
CA ALA B 114 19.53 6.18 6.25
C ALA B 114 19.08 4.91 5.55
N PRO B 115 18.76 4.97 4.24
CA PRO B 115 18.32 3.76 3.55
C PRO B 115 19.36 2.68 3.42
N SER B 116 18.92 1.42 3.53
CA SER B 116 19.74 0.25 3.27
C SER B 116 19.53 0.01 1.75
N VAL B 117 20.62 -0.02 0.99
CA VAL B 117 20.58 -0.13 -0.47
C VAL B 117 21.21 -1.45 -0.91
N THR B 118 20.42 -2.27 -1.64
CA THR B 118 20.88 -3.56 -2.16
C THR B 118 20.67 -3.58 -3.68
N LEU B 119 21.77 -3.71 -4.42
CA LEU B 119 21.70 -3.74 -5.88
C LEU B 119 21.92 -5.16 -6.40
N PHE B 120 20.96 -5.65 -7.19
CA PHE B 120 21.00 -7.01 -7.74
C PHE B 120 21.42 -7.03 -9.20
N PRO B 121 22.36 -7.92 -9.57
CA PRO B 121 22.72 -8.05 -11.00
C PRO B 121 21.62 -8.86 -11.70
N PRO B 122 21.60 -8.96 -13.06
CA PRO B 122 20.56 -9.78 -13.70
C PRO B 122 20.59 -11.22 -13.19
N SER B 123 19.42 -11.82 -12.97
CA SER B 123 19.41 -13.20 -12.48
C SER B 123 19.73 -14.14 -13.65
N SER B 124 20.13 -15.38 -13.34
CA SER B 124 20.47 -16.38 -14.36
C SER B 124 19.26 -16.70 -15.23
N GLU B 125 18.04 -16.71 -14.65
CA GLU B 125 16.79 -16.98 -15.37
C GLU B 125 16.44 -15.88 -16.37
N GLU B 126 16.66 -14.62 -16.00
CA GLU B 126 16.32 -13.58 -16.95
C GLU B 126 17.37 -13.46 -18.08
N LEU B 127 18.69 -13.70 -17.79
CA LEU B 127 19.74 -13.69 -18.81
C LEU B 127 19.54 -14.84 -19.79
N GLN B 128 19.07 -16.00 -19.28
CA GLN B 128 18.75 -17.18 -20.10
C GLN B 128 17.53 -16.89 -20.99
N ALA B 129 16.70 -15.88 -20.60
CA ALA B 129 15.51 -15.46 -21.35
C ALA B 129 15.80 -14.18 -22.16
N ASN B 130 17.09 -13.81 -22.32
CA ASN B 130 17.58 -12.64 -23.06
C ASN B 130 17.11 -11.30 -22.46
N LYS B 131 17.06 -11.22 -21.12
CA LYS B 131 16.68 -10.03 -20.38
C LYS B 131 17.78 -9.72 -19.37
N ALA B 132 17.97 -8.43 -19.01
CA ALA B 132 19.03 -8.05 -18.06
C ALA B 132 18.66 -6.92 -17.11
N THR B 133 17.41 -6.88 -16.68
CA THR B 133 16.90 -5.88 -15.72
C THR B 133 17.68 -5.97 -14.40
N LEU B 134 18.10 -4.82 -13.88
CA LEU B 134 18.76 -4.71 -12.58
C LEU B 134 17.71 -4.15 -11.63
N VAL B 135 17.79 -4.53 -10.34
CA VAL B 135 16.88 -4.00 -9.32
C VAL B 135 17.69 -3.47 -8.14
N CYS B 136 17.30 -2.30 -7.66
CA CYS B 136 17.92 -1.62 -6.55
C CYS B 136 16.88 -1.51 -5.43
N LEU B 137 17.02 -2.35 -4.39
CA LEU B 137 16.13 -2.36 -3.24
C LEU B 137 16.60 -1.31 -2.26
N ILE B 138 15.68 -0.43 -1.85
CA ILE B 138 15.94 0.70 -0.95
C ILE B 138 15.02 0.48 0.24
N SER B 139 15.58 0.17 1.42
CA SER B 139 14.70 -0.13 2.55
C SER B 139 15.10 0.54 3.85
N ASP B 140 14.18 0.50 4.85
CA ASP B 140 14.39 0.98 6.21
C ASP B 140 14.83 2.45 6.32
N PHE B 141 14.19 3.33 5.55
CA PHE B 141 14.51 4.76 5.64
C PHE B 141 13.37 5.60 6.17
N TYR B 142 13.71 6.72 6.81
CA TYR B 142 12.74 7.70 7.31
C TYR B 142 13.41 9.09 7.31
N PRO B 143 12.77 10.16 6.75
CA PRO B 143 11.43 10.21 6.13
C PRO B 143 11.33 9.48 4.78
N GLY B 144 10.10 9.33 4.29
CA GLY B 144 9.80 8.57 3.08
C GLY B 144 9.94 9.26 1.75
N ALA B 145 11.11 9.87 1.52
CA ALA B 145 11.44 10.57 0.27
C ALA B 145 12.89 10.28 -0.10
N VAL B 146 13.10 9.76 -1.31
CA VAL B 146 14.43 9.46 -1.87
C VAL B 146 14.52 9.96 -3.30
N THR B 147 15.75 10.18 -3.77
CA THR B 147 16.07 10.52 -5.15
C THR B 147 16.96 9.38 -5.62
N VAL B 148 16.62 8.73 -6.73
CA VAL B 148 17.40 7.62 -7.26
C VAL B 148 17.96 8.00 -8.62
N ALA B 149 19.26 7.77 -8.81
CA ALA B 149 19.96 8.01 -10.07
C ALA B 149 20.77 6.76 -10.38
N TRP B 150 20.80 6.35 -11.65
CA TRP B 150 21.54 5.19 -12.12
C TRP B 150 22.71 5.62 -12.97
N LYS B 151 23.75 4.77 -13.02
CA LYS B 151 24.95 5.00 -13.82
C LYS B 151 25.37 3.75 -14.59
N ALA B 152 25.86 3.95 -15.83
CA ALA B 152 26.46 2.95 -16.71
C ALA B 152 27.92 3.38 -16.67
N ASP B 153 28.74 2.65 -15.90
CA ASP B 153 30.13 2.99 -15.55
C ASP B 153 30.09 4.30 -14.74
N SER B 154 30.34 5.45 -15.38
CA SER B 154 30.30 6.79 -14.75
C SER B 154 29.24 7.69 -15.43
N SER B 155 28.61 7.19 -16.50
CA SER B 155 27.58 7.91 -17.27
C SER B 155 26.21 7.80 -16.61
N PRO B 156 25.49 8.92 -16.35
CA PRO B 156 24.15 8.81 -15.77
C PRO B 156 23.13 8.22 -16.76
N VAL B 157 22.27 7.31 -16.28
CA VAL B 157 21.23 6.63 -17.07
C VAL B 157 19.87 7.28 -16.79
N LYS B 158 19.17 7.71 -17.84
CA LYS B 158 17.84 8.31 -17.72
C LYS B 158 16.76 7.33 -18.22
N ALA B 159 16.99 6.75 -19.42
CA ALA B 159 16.07 5.83 -20.08
C ALA B 159 16.07 4.43 -19.45
N GLY B 160 14.89 3.83 -19.37
CA GLY B 160 14.71 2.48 -18.83
C GLY B 160 14.60 2.37 -17.33
N VAL B 161 14.63 3.52 -16.62
CA VAL B 161 14.56 3.60 -15.16
C VAL B 161 13.13 3.86 -14.70
N GLU B 162 12.68 3.08 -13.69
CA GLU B 162 11.41 3.23 -13.01
C GLU B 162 11.70 3.10 -11.52
N THR B 163 11.09 3.95 -10.70
CA THR B 163 11.29 3.98 -9.26
C THR B 163 9.94 4.11 -8.58
N THR B 164 9.69 3.23 -7.61
CA THR B 164 8.44 3.23 -6.86
C THR B 164 8.38 4.32 -5.82
N THR B 165 7.16 4.81 -5.55
CA THR B 165 6.90 5.80 -4.53
C THR B 165 7.07 5.08 -3.17
N PRO B 166 7.88 5.61 -2.23
CA PRO B 166 8.09 4.91 -0.95
C PRO B 166 6.81 4.65 -0.14
N SER B 167 6.69 3.44 0.41
CA SER B 167 5.55 3.05 1.25
C SER B 167 6.05 2.46 2.56
N LYS B 168 5.22 2.51 3.61
CA LYS B 168 5.60 2.02 4.92
C LYS B 168 5.73 0.49 5.02
N GLN B 169 6.80 0.04 5.69
CA GLN B 169 7.04 -1.36 6.03
C GLN B 169 6.28 -1.61 7.35
N SER B 170 6.27 -2.87 7.84
CA SER B 170 5.62 -3.21 9.11
C SER B 170 6.35 -2.57 10.31
N ASN B 171 7.64 -2.14 10.13
CA ASN B 171 8.42 -1.47 11.18
C ASN B 171 8.28 0.06 11.14
N ASN B 172 7.39 0.57 10.26
CA ASN B 172 7.09 2.01 10.08
C ASN B 172 8.21 2.82 9.42
N LYS B 173 9.23 2.13 8.90
CA LYS B 173 10.27 2.74 8.09
C LYS B 173 9.77 2.50 6.66
N TYR B 174 10.34 3.19 5.66
CA TYR B 174 9.88 3.08 4.28
C TYR B 174 10.73 2.15 3.42
N ALA B 175 10.12 1.67 2.35
CA ALA B 175 10.77 0.80 1.37
C ALA B 175 10.36 1.26 0.00
N ALA B 176 11.27 1.11 -0.97
CA ALA B 176 11.07 1.43 -2.38
C ALA B 176 12.02 0.59 -3.21
N SER B 177 11.78 0.56 -4.50
CA SER B 177 12.66 -0.14 -5.41
C SER B 177 12.75 0.64 -6.70
N SER B 178 13.92 0.58 -7.32
CA SER B 178 14.17 1.20 -8.59
C SER B 178 14.72 0.11 -9.46
N TYR B 179 14.27 0.05 -10.70
CA TYR B 179 14.77 -0.95 -11.62
C TYR B 179 15.22 -0.30 -12.91
N LEU B 180 16.23 -0.90 -13.55
CA LEU B 180 16.77 -0.44 -14.82
C LEU B 180 16.69 -1.58 -15.82
N SER B 181 15.84 -1.42 -16.85
CA SER B 181 15.66 -2.40 -17.91
C SER B 181 16.81 -2.27 -18.90
N LEU B 182 17.56 -3.37 -19.07
CA LEU B 182 18.68 -3.44 -20.01
C LEU B 182 18.58 -4.71 -20.79
N THR B 183 19.23 -4.74 -21.95
CA THR B 183 19.34 -5.94 -22.78
C THR B 183 20.63 -6.64 -22.29
N PRO B 184 20.83 -7.98 -22.45
CA PRO B 184 22.12 -8.58 -22.03
C PRO B 184 23.34 -7.91 -22.67
N GLU B 185 23.17 -7.37 -23.90
CA GLU B 185 24.18 -6.66 -24.67
C GLU B 185 24.67 -5.41 -23.90
N GLN B 186 23.73 -4.55 -23.44
CA GLN B 186 24.03 -3.34 -22.65
C GLN B 186 24.71 -3.68 -21.33
N TRP B 187 24.26 -4.76 -20.67
CA TRP B 187 24.80 -5.24 -19.39
C TRP B 187 26.25 -5.71 -19.53
N LYS B 188 26.53 -6.55 -20.54
CA LYS B 188 27.86 -7.13 -20.80
C LYS B 188 28.88 -6.14 -21.36
N SER B 189 28.41 -5.08 -22.07
CA SER B 189 29.31 -4.09 -22.70
C SER B 189 29.96 -3.13 -21.72
N HIS B 190 29.32 -2.86 -20.58
CA HIS B 190 29.83 -1.95 -19.55
C HIS B 190 30.62 -2.69 -18.47
N ARG B 191 31.59 -2.00 -17.83
CA ARG B 191 32.38 -2.59 -16.76
C ARG B 191 31.57 -2.74 -15.48
N SER B 192 30.61 -1.81 -15.26
CA SER B 192 29.73 -1.81 -14.11
C SER B 192 28.52 -0.89 -14.31
N TYR B 193 27.53 -1.05 -13.42
CA TYR B 193 26.32 -0.25 -13.32
C TYR B 193 26.16 0.13 -11.84
N SER B 194 25.66 1.33 -11.58
CA SER B 194 25.49 1.81 -10.21
C SER B 194 24.10 2.35 -9.94
N CYS B 195 23.65 2.23 -8.68
CA CYS B 195 22.39 2.76 -8.19
C CYS B 195 22.77 3.70 -7.04
N GLN B 196 22.50 5.02 -7.20
CA GLN B 196 22.79 5.98 -6.14
C GLN B 196 21.50 6.58 -5.60
N VAL B 197 21.33 6.46 -4.28
CA VAL B 197 20.15 6.88 -3.54
C VAL B 197 20.48 8.07 -2.64
N THR B 198 19.78 9.19 -2.83
CA THR B 198 19.94 10.38 -2.00
C THR B 198 18.78 10.47 -1.00
N HIS B 199 19.12 10.53 0.29
CA HIS B 199 18.16 10.63 1.39
C HIS B 199 18.66 11.70 2.38
N GLU B 200 18.11 12.91 2.27
CA GLU B 200 18.49 14.09 3.07
C GLU B 200 20.00 14.35 2.96
N GLY B 201 20.73 14.35 4.07
CA GLY B 201 22.17 14.59 4.09
C GLY B 201 23.03 13.36 3.78
N SER B 202 22.42 12.27 3.29
CA SER B 202 23.10 11.03 2.96
C SER B 202 22.91 10.62 1.51
N THR B 203 23.97 10.08 0.90
CA THR B 203 23.94 9.51 -0.45
C THR B 203 24.62 8.15 -0.33
N VAL B 204 23.93 7.11 -0.76
CA VAL B 204 24.44 5.74 -0.72
C VAL B 204 24.41 5.22 -2.15
N GLU B 205 25.56 4.74 -2.62
CA GLU B 205 25.67 4.18 -3.95
C GLU B 205 26.25 2.76 -3.89
N LYS B 206 25.61 1.84 -4.64
CA LYS B 206 26.04 0.45 -4.79
C LYS B 206 26.35 0.20 -6.26
N THR B 207 27.35 -0.64 -6.52
CA THR B 207 27.81 -0.97 -7.86
C THR B 207 27.86 -2.48 -8.08
N VAL B 208 27.40 -2.92 -9.25
CA VAL B 208 27.45 -4.33 -9.67
C VAL B 208 28.18 -4.44 -11.00
N ALA B 209 28.80 -5.60 -11.25
CA ALA B 209 29.56 -5.84 -12.47
C ALA B 209 29.23 -7.21 -13.06
N PRO B 210 29.26 -7.40 -14.41
CA PRO B 210 28.97 -8.73 -14.97
C PRO B 210 30.00 -9.81 -14.62
N THR B 211 29.52 -10.98 -14.18
CA THR B 211 30.34 -12.14 -13.80
C THR B 211 29.92 -13.37 -14.62
#